data_6OUG
#
_entry.id   6OUG
#
_cell.length_a   49.420
_cell.length_b   49.380
_cell.length_c   122.380
_cell.angle_alpha   90.00
_cell.angle_beta   90.00
_cell.angle_gamma   90.00
#
_symmetry.space_group_name_H-M   'P 21 21 2'
#
loop_
_entity.id
_entity.type
_entity.pdbx_description
1 polymer 'Matrix protein 2'
2 non-polymer "(1r,1'S,3'S,5'S,7'S)-spiro[cyclohexane-1,2'-tricyclo[3.3.1.1~3,7~]decan]-4-amine"
3 water water
#
_entity_poly.entity_id   1
_entity_poly.type   'polypeptide(L)'
_entity_poly.pdbx_seq_one_letter_code
;DSSDPLAVAASIIGILHLILWILDRLFFKSIYRFFEHGLKR
;
_entity_poly.pdbx_strand_id   A,B,C,D,E,F,G,H
#
loop_
_chem_comp.id
_chem_comp.type
_chem_comp.name
_chem_comp.formula
E01 non-polymer (1r,1'S,3'S,5'S,7'S)-spiro[cyclohexane-1,2'-tricyclo[3.3.1.1~3,7~]decan]-4-amine 'C15 H25 N'
#
# COMPACT_ATOMS: atom_id res chain seq x y z
N SER A 2 -40.43 -16.35 27.42
CA SER A 2 -39.82 -15.69 26.27
C SER A 2 -39.07 -14.45 26.70
N SER A 3 -38.45 -14.49 27.88
CA SER A 3 -37.73 -13.34 28.39
C SER A 3 -36.64 -13.82 29.34
N ASP A 4 -35.42 -13.93 28.81
CA ASP A 4 -34.22 -14.00 29.62
C ASP A 4 -33.49 -12.68 29.45
N PRO A 5 -33.17 -11.94 30.51
CA PRO A 5 -32.44 -10.67 30.32
C PRO A 5 -31.13 -10.86 29.56
N LEU A 6 -30.39 -11.91 29.88
CA LEU A 6 -29.15 -12.20 29.17
C LEU A 6 -29.42 -12.48 27.70
N ALA A 7 -30.48 -13.23 27.40
CA ALA A 7 -30.79 -13.56 26.01
C ALA A 7 -31.20 -12.33 25.22
N VAL A 8 -32.03 -11.46 25.82
CA VAL A 8 -32.44 -10.24 25.14
C VAL A 8 -31.23 -9.32 24.91
N ALA A 9 -30.36 -9.21 25.92
CA ALA A 9 -29.14 -8.42 25.75
C ALA A 9 -28.28 -8.96 24.62
N ALA A 10 -28.06 -10.27 24.60
CA ALA A 10 -27.23 -10.86 23.55
C ALA A 10 -27.88 -10.73 22.18
N SER A 11 -29.22 -10.75 22.13
CA SER A 11 -29.91 -10.61 20.85
C SER A 11 -29.75 -9.20 20.30
N ILE A 12 -30.01 -8.19 21.14
CA ILE A 12 -29.80 -6.81 20.71
C ILE A 12 -28.34 -6.58 20.33
N ILE A 13 -27.42 -7.20 21.08
CA ILE A 13 -26.00 -7.05 20.80
C ILE A 13 -25.65 -7.71 19.47
N GLY A 14 -26.24 -8.86 19.16
CA GLY A 14 -25.99 -9.50 17.89
C GLY A 14 -26.51 -8.69 16.72
N ILE A 15 -27.69 -8.08 16.88
CA ILE A 15 -28.22 -7.23 15.81
C ILE A 15 -27.33 -6.02 15.60
N LEU A 16 -26.97 -5.33 16.69
CA LEU A 16 -26.07 -4.19 16.56
C LEU A 16 -24.73 -4.60 16.01
N HIS A 17 -24.27 -5.82 16.32
CA HIS A 17 -22.98 -6.28 15.81
C HIS A 17 -23.04 -6.51 14.32
N LEU A 18 -24.12 -7.13 13.83
CA LEU A 18 -24.30 -7.28 12.39
C LEU A 18 -24.32 -5.91 11.72
N ILE A 19 -25.05 -4.96 12.30
CA ILE A 19 -25.16 -3.63 11.70
C ILE A 19 -23.80 -2.94 11.64
N LEU A 20 -23.06 -2.98 12.75
CA LEU A 20 -21.78 -2.29 12.82
C LEU A 20 -20.74 -2.95 11.92
N TRP A 21 -20.72 -4.29 11.88
CA TRP A 21 -19.77 -4.93 10.98
C TRP A 21 -20.14 -4.70 9.52
N ILE A 22 -21.44 -4.59 9.22
CA ILE A 22 -21.87 -4.28 7.86
C ILE A 22 -21.38 -2.88 7.47
N LEU A 23 -21.55 -1.91 8.37
CA LEU A 23 -21.09 -0.56 8.05
C LEU A 23 -19.56 -0.49 7.97
N ASP A 24 -18.87 -1.19 8.88
CA ASP A 24 -17.41 -1.23 8.84
C ASP A 24 -16.91 -1.80 7.53
N ARG A 25 -17.37 -2.99 7.17
CA ARG A 25 -16.92 -3.60 5.92
C ARG A 25 -17.43 -2.85 4.71
N LEU A 26 -18.56 -2.15 4.82
CA LEU A 26 -19.05 -1.38 3.68
C LEU A 26 -18.13 -0.20 3.40
N PHE A 27 -17.82 0.60 4.42
CA PHE A 27 -16.90 1.71 4.17
C PHE A 27 -15.48 1.23 3.94
N PHE A 28 -15.13 0.04 4.42
CA PHE A 28 -13.80 -0.51 4.15
C PHE A 28 -13.68 -0.93 2.70
N LYS A 29 -14.70 -1.65 2.21
CA LYS A 29 -14.73 -2.10 0.79
C LYS A 29 -14.79 -0.87 -0.10
N SER A 30 -15.49 0.18 0.36
CA SER A 30 -15.60 1.45 -0.40
C SER A 30 -14.21 2.08 -0.53
N ILE A 31 -13.50 2.21 0.60
CA ILE A 31 -12.11 2.77 0.59
C ILE A 31 -11.27 1.89 -0.34
N TYR A 32 -11.50 0.57 -0.29
CA TYR A 32 -10.78 -0.37 -1.13
C TYR A 32 -11.42 -0.51 -2.51
N ARG A 33 -12.43 0.31 -2.81
CA ARG A 33 -12.99 0.42 -4.15
C ARG A 33 -12.43 1.61 -4.91
N PHE A 34 -12.05 2.68 -4.21
CA PHE A 34 -11.39 3.81 -4.83
C PHE A 34 -9.89 3.59 -5.01
N PHE A 35 -9.33 2.54 -4.42
CA PHE A 35 -7.93 2.19 -4.58
C PHE A 35 -7.73 0.95 -5.44
N GLU A 36 -8.76 0.54 -6.19
CA GLU A 36 -8.67 -0.61 -7.07
C GLU A 36 -9.79 -0.58 -8.10
N ASP B 4 -30.18 -21.92 29.61
CA ASP B 4 -29.28 -23.02 29.32
C ASP B 4 -27.82 -22.57 29.42
N PRO B 5 -26.95 -23.45 29.93
CA PRO B 5 -25.51 -23.12 29.93
C PRO B 5 -24.97 -22.77 28.56
N LEU B 6 -25.45 -23.45 27.51
CA LEU B 6 -25.00 -23.12 26.15
C LEU B 6 -25.45 -21.73 25.74
N ALA B 7 -26.70 -21.38 26.06
CA ALA B 7 -27.19 -20.04 25.73
C ALA B 7 -26.41 -18.97 26.49
N VAL B 8 -26.10 -19.22 27.77
CA VAL B 8 -25.34 -18.27 28.56
C VAL B 8 -23.93 -18.10 28.01
N ALA B 9 -23.28 -19.21 27.67
CA ALA B 9 -21.94 -19.16 27.09
C ALA B 9 -21.94 -18.38 25.79
N ALA B 10 -22.90 -18.67 24.90
CA ALA B 10 -22.97 -17.97 23.62
C ALA B 10 -23.27 -16.50 23.83
N SER B 11 -24.11 -16.15 24.79
CA SER B 11 -24.43 -14.75 25.04
C SER B 11 -23.20 -13.98 25.52
N ILE B 12 -22.48 -14.54 26.48
CA ILE B 12 -21.29 -13.86 26.99
C ILE B 12 -20.20 -13.78 25.93
N ILE B 13 -20.06 -14.85 25.13
CA ILE B 13 -19.11 -14.81 24.01
C ILE B 13 -19.51 -13.75 23.00
N GLY B 14 -20.80 -13.60 22.72
CA GLY B 14 -21.23 -12.57 21.79
C GLY B 14 -20.96 -11.17 22.30
N ILE B 15 -21.18 -10.95 23.60
CA ILE B 15 -20.92 -9.64 24.18
C ILE B 15 -19.42 -9.32 24.14
N LEU B 16 -18.59 -10.26 24.60
CA LEU B 16 -17.14 -10.05 24.54
C LEU B 16 -16.66 -9.90 23.10
N HIS B 17 -17.30 -10.59 22.16
CA HIS B 17 -16.95 -10.48 20.75
C HIS B 17 -17.22 -9.08 20.24
N LEU B 18 -18.40 -8.55 20.53
CA LEU B 18 -18.70 -7.18 20.11
C LEU B 18 -17.75 -6.18 20.75
N ILE B 19 -17.45 -6.34 22.05
CA ILE B 19 -16.56 -5.39 22.72
C ILE B 19 -15.16 -5.43 22.12
N LEU B 20 -14.61 -6.64 21.94
CA LEU B 20 -13.27 -6.76 21.39
C LEU B 20 -13.21 -6.31 19.94
N TRP B 21 -14.28 -6.56 19.17
CA TRP B 21 -14.32 -6.08 17.80
C TRP B 21 -14.41 -4.56 17.74
N ILE B 22 -15.10 -3.94 18.70
CA ILE B 22 -15.16 -2.48 18.74
C ILE B 22 -13.81 -1.89 19.10
N LEU B 23 -13.12 -2.49 20.08
CA LEU B 23 -11.77 -2.03 20.40
C LEU B 23 -10.84 -2.22 19.21
N ASP B 24 -10.95 -3.35 18.52
CA ASP B 24 -10.14 -3.60 17.33
C ASP B 24 -10.45 -2.59 16.24
N ARG B 25 -11.73 -2.23 16.07
CA ARG B 25 -12.11 -1.28 15.04
C ARG B 25 -11.62 0.11 15.37
N LEU B 26 -11.67 0.51 16.64
CA LEU B 26 -11.12 1.80 17.03
C LEU B 26 -9.62 1.84 16.79
N PHE B 27 -8.92 0.77 17.18
CA PHE B 27 -7.49 0.64 16.92
C PHE B 27 -7.19 0.84 15.44
N PHE B 28 -7.81 0.02 14.58
CA PHE B 28 -7.46 0.03 13.17
C PHE B 28 -8.01 1.25 12.44
N LYS B 29 -9.10 1.86 12.94
CA LYS B 29 -9.61 3.08 12.32
C LYS B 29 -8.73 4.28 12.67
N SER B 30 -8.21 4.34 13.89
CA SER B 30 -7.25 5.39 14.23
C SER B 30 -5.86 5.11 13.66
N ILE B 31 -5.60 3.86 13.27
CA ILE B 31 -4.32 3.55 12.63
C ILE B 31 -4.36 3.77 11.12
N TYR B 32 -5.51 3.58 10.49
CA TYR B 32 -5.67 3.81 9.06
C TYR B 32 -6.46 5.09 8.77
N ARG B 33 -6.65 5.95 9.77
CA ARG B 33 -7.24 7.26 9.56
C ARG B 33 -6.20 8.33 9.29
N PHE B 34 -4.91 8.02 9.43
CA PHE B 34 -3.86 8.97 9.13
C PHE B 34 -3.58 9.04 7.63
N PHE B 35 -3.88 7.98 6.89
CA PHE B 35 -3.66 7.98 5.44
C PHE B 35 -4.62 8.92 4.72
N GLU B 36 -5.83 9.10 5.26
CA GLU B 36 -6.81 9.99 4.64
C GLU B 36 -6.53 11.45 4.99
N SER C 3 -34.06 -26.26 23.84
CA SER C 3 -33.22 -26.84 22.79
C SER C 3 -33.80 -26.57 21.41
N ASP C 4 -34.03 -25.30 21.08
CA ASP C 4 -34.45 -24.94 19.75
C ASP C 4 -33.27 -25.14 18.78
N PRO C 5 -33.50 -25.76 17.63
CA PRO C 5 -32.40 -25.90 16.65
C PRO C 5 -31.75 -24.58 16.30
N LEU C 6 -32.54 -23.52 16.10
CA LEU C 6 -31.97 -22.22 15.78
C LEU C 6 -31.13 -21.70 16.94
N ALA C 7 -31.61 -21.86 18.18
CA ALA C 7 -30.85 -21.40 19.34
C ALA C 7 -29.51 -22.13 19.46
N VAL C 8 -29.53 -23.46 19.30
CA VAL C 8 -28.30 -24.23 19.45
C VAL C 8 -27.32 -23.91 18.32
N ALA C 9 -27.82 -23.84 17.09
CA ALA C 9 -26.95 -23.51 15.96
C ALA C 9 -26.37 -22.11 16.12
N ALA C 10 -27.19 -21.15 16.57
CA ALA C 10 -26.69 -19.79 16.78
C ALA C 10 -25.63 -19.76 17.87
N SER C 11 -25.83 -20.54 18.93
CA SER C 11 -24.83 -20.60 20.00
C SER C 11 -23.50 -21.13 19.48
N ILE C 12 -23.53 -22.28 18.81
CA ILE C 12 -22.30 -22.87 18.29
C ILE C 12 -21.64 -21.94 17.29
N ILE C 13 -22.45 -21.27 16.47
CA ILE C 13 -21.92 -20.37 15.45
C ILE C 13 -21.30 -19.13 16.08
N GLY C 14 -21.88 -18.63 17.17
CA GLY C 14 -21.26 -17.53 17.88
C GLY C 14 -19.92 -17.93 18.49
N ILE C 15 -19.85 -19.12 19.08
CA ILE C 15 -18.58 -19.61 19.63
C ILE C 15 -17.53 -19.70 18.53
N LEU C 16 -17.86 -20.42 17.44
CA LEU C 16 -16.92 -20.56 16.33
C LEU C 16 -16.56 -19.21 15.72
N HIS C 17 -17.50 -18.28 15.70
CA HIS C 17 -17.25 -16.96 15.12
C HIS C 17 -16.22 -16.19 15.95
N LEU C 18 -16.38 -16.20 17.27
CA LEU C 18 -15.39 -15.52 18.09
C LEU C 18 -14.03 -16.22 18.00
N ILE C 19 -14.02 -17.54 17.94
CA ILE C 19 -12.73 -18.25 17.84
C ILE C 19 -12.02 -17.89 16.54
N LEU C 20 -12.72 -17.99 15.41
CA LEU C 20 -12.11 -17.64 14.13
C LEU C 20 -11.75 -16.17 14.08
N TRP C 21 -12.50 -15.31 14.76
CA TRP C 21 -12.17 -13.90 14.77
C TRP C 21 -10.88 -13.63 15.53
N ILE C 22 -10.70 -14.27 16.69
CA ILE C 22 -9.47 -14.06 17.42
C ILE C 22 -8.29 -14.67 16.66
N LEU C 23 -8.52 -15.76 15.91
CA LEU C 23 -7.41 -16.33 15.14
C LEU C 23 -7.04 -15.43 13.97
N ASP C 24 -8.03 -14.93 13.22
CA ASP C 24 -7.79 -14.01 12.13
C ASP C 24 -7.09 -12.75 12.62
N ARG C 25 -7.61 -12.14 13.69
CA ARG C 25 -7.00 -10.92 14.21
C ARG C 25 -5.67 -11.18 14.90
N LEU C 26 -5.42 -12.39 15.39
CA LEU C 26 -4.09 -12.73 15.89
C LEU C 26 -3.10 -12.75 14.75
N PHE C 27 -3.45 -13.41 13.64
CA PHE C 27 -2.60 -13.39 12.46
C PHE C 27 -2.33 -11.95 12.01
N PHE C 28 -3.39 -11.13 11.94
CA PHE C 28 -3.23 -9.79 11.40
C PHE C 28 -2.50 -8.87 12.36
N LYS C 29 -2.69 -9.03 13.67
CA LYS C 29 -1.98 -8.20 14.64
C LYS C 29 -0.51 -8.61 14.75
N SER C 30 -0.21 -9.90 14.58
CA SER C 30 1.18 -10.31 14.51
C SER C 30 1.84 -9.82 13.23
N ILE C 31 1.08 -9.76 12.13
CA ILE C 31 1.64 -9.24 10.88
C ILE C 31 1.90 -7.75 10.99
N TYR C 32 0.95 -6.99 11.54
CA TYR C 32 1.12 -5.55 11.71
C TYR C 32 2.04 -5.19 12.87
N ARG C 33 2.38 -6.16 13.72
CA ARG C 33 3.30 -5.93 14.82
C ARG C 33 4.75 -6.11 14.40
N PHE C 34 5.03 -6.13 13.10
CA PHE C 34 6.38 -6.26 12.57
C PHE C 34 6.80 -5.09 11.67
N PHE C 35 5.84 -4.43 11.03
CA PHE C 35 6.13 -3.29 10.15
C PHE C 35 5.79 -1.96 10.81
N GLU C 36 5.82 -1.89 12.13
CA GLU C 36 5.52 -0.66 12.85
C GLU C 36 6.40 -0.51 14.09
N SER D 3 -37.18 -19.36 20.65
CA SER D 3 -37.98 -18.81 21.73
C SER D 3 -38.97 -17.76 21.22
N ASP D 4 -38.64 -16.50 21.43
CA ASP D 4 -39.44 -15.37 20.99
C ASP D 4 -38.88 -14.80 19.69
N PRO D 5 -39.65 -13.95 18.99
CA PRO D 5 -39.15 -13.37 17.74
C PRO D 5 -37.80 -12.70 17.86
N LEU D 6 -37.51 -12.07 19.00
CA LEU D 6 -36.21 -11.47 19.21
C LEU D 6 -35.10 -12.52 19.10
N ALA D 7 -35.28 -13.65 19.80
CA ALA D 7 -34.25 -14.69 19.78
C ALA D 7 -34.14 -15.34 18.41
N VAL D 8 -35.27 -15.55 17.73
CA VAL D 8 -35.22 -16.19 16.41
C VAL D 8 -34.51 -15.28 15.41
N ALA D 9 -34.89 -14.00 15.38
CA ALA D 9 -34.22 -13.05 14.50
C ALA D 9 -32.74 -12.94 14.84
N ALA D 10 -32.40 -12.93 16.13
CA ALA D 10 -30.99 -12.84 16.52
C ALA D 10 -30.21 -14.05 16.07
N SER D 11 -30.84 -15.24 16.11
CA SER D 11 -30.15 -16.45 15.66
C SER D 11 -29.91 -16.40 14.15
N ILE D 12 -30.95 -16.06 13.38
CA ILE D 12 -30.78 -15.92 11.93
C ILE D 12 -29.69 -14.90 11.62
N ILE D 13 -29.68 -13.80 12.36
CA ILE D 13 -28.74 -12.71 12.11
C ILE D 13 -27.32 -13.13 12.47
N GLY D 14 -27.16 -13.90 13.55
CA GLY D 14 -25.83 -14.38 13.90
C GLY D 14 -25.28 -15.37 12.89
N ILE D 15 -26.13 -16.26 12.38
CA ILE D 15 -25.69 -17.17 11.32
C ILE D 15 -25.29 -16.39 10.08
N LEU D 16 -26.12 -15.41 9.69
CA LEU D 16 -25.78 -14.55 8.56
C LEU D 16 -24.45 -13.84 8.79
N HIS D 17 -24.22 -13.37 10.02
CA HIS D 17 -23.00 -12.63 10.33
C HIS D 17 -21.77 -13.53 10.19
N LEU D 18 -21.86 -14.76 10.71
CA LEU D 18 -20.75 -15.69 10.54
C LEU D 18 -20.48 -15.94 9.07
N ILE D 19 -21.52 -16.21 8.28
CA ILE D 19 -21.33 -16.50 6.86
C ILE D 19 -20.70 -15.30 6.15
N LEU D 20 -21.18 -14.10 6.43
CA LEU D 20 -20.68 -12.91 5.77
C LEU D 20 -19.22 -12.66 6.13
N TRP D 21 -18.88 -12.76 7.42
CA TRP D 21 -17.49 -12.54 7.80
C TRP D 21 -16.59 -13.64 7.26
N ILE D 22 -17.12 -14.85 7.10
CA ILE D 22 -16.38 -15.93 6.47
C ILE D 22 -16.05 -15.57 5.03
N LEU D 23 -17.04 -15.09 4.28
CA LEU D 23 -16.78 -14.71 2.89
C LEU D 23 -15.79 -13.55 2.82
N ASP D 24 -15.92 -12.59 3.74
CA ASP D 24 -15.02 -11.44 3.74
C ASP D 24 -13.58 -11.87 3.99
N ARG D 25 -13.36 -12.67 5.04
CA ARG D 25 -12.00 -13.11 5.34
C ARG D 25 -11.47 -14.08 4.31
N LEU D 26 -12.33 -14.88 3.68
CA LEU D 26 -11.88 -15.77 2.61
C LEU D 26 -11.44 -14.96 1.40
N PHE D 27 -12.21 -13.93 1.03
CA PHE D 27 -11.82 -13.06 -0.06
C PHE D 27 -10.50 -12.35 0.22
N PHE D 28 -10.35 -11.83 1.44
CA PHE D 28 -9.12 -11.11 1.78
C PHE D 28 -7.93 -12.06 1.87
N LYS D 29 -8.13 -13.27 2.38
CA LYS D 29 -7.03 -14.23 2.46
C LYS D 29 -6.66 -14.79 1.10
N SER D 30 -7.62 -14.87 0.18
CA SER D 30 -7.31 -15.29 -1.18
C SER D 30 -6.62 -14.17 -1.96
N ILE D 31 -6.94 -12.92 -1.66
CA ILE D 31 -6.24 -11.81 -2.30
C ILE D 31 -4.83 -11.65 -1.73
N TYR D 32 -4.64 -11.93 -0.44
CA TYR D 32 -3.33 -11.85 0.19
C TYR D 32 -2.58 -13.17 0.16
N ARG D 33 -3.13 -14.20 -0.47
CA ARG D 33 -2.44 -15.47 -0.66
C ARG D 33 -1.97 -15.66 -2.09
N PHE D 34 -2.25 -14.70 -2.98
CA PHE D 34 -1.75 -14.73 -4.35
C PHE D 34 -0.88 -13.53 -4.69
N PHE D 35 -0.95 -12.44 -3.93
CA PHE D 35 -0.12 -11.27 -4.13
C PHE D 35 0.84 -11.04 -2.96
N GLU D 36 1.20 -12.11 -2.25
CA GLU D 36 2.12 -12.02 -1.12
C GLU D 36 2.68 -13.40 -0.78
N SER E 3 31.33 23.19 -30.56
CA SER E 3 29.93 23.26 -30.16
C SER E 3 29.02 22.77 -31.27
N ASP E 4 28.20 21.77 -30.96
CA ASP E 4 27.22 21.21 -31.89
C ASP E 4 25.85 21.19 -31.25
N PRO E 5 24.79 21.25 -32.05
CA PRO E 5 23.44 21.25 -31.46
C PRO E 5 23.17 20.02 -30.61
N LEU E 6 23.75 18.87 -30.96
CA LEU E 6 23.57 17.68 -30.14
C LEU E 6 24.14 17.89 -28.75
N ALA E 7 25.37 18.41 -28.65
CA ALA E 7 25.98 18.62 -27.35
C ALA E 7 25.26 19.72 -26.57
N VAL E 8 24.83 20.79 -27.25
CA VAL E 8 24.13 21.87 -26.56
C VAL E 8 22.79 21.37 -26.00
N ALA E 9 22.03 20.64 -26.82
CA ALA E 9 20.76 20.08 -26.38
C ALA E 9 20.98 19.07 -25.26
N ALA E 10 22.06 18.30 -25.33
CA ALA E 10 22.35 17.36 -24.25
C ALA E 10 22.65 18.09 -22.94
N SER E 11 23.35 19.22 -23.02
CA SER E 11 23.63 20.00 -21.82
C SER E 11 22.34 20.57 -21.24
N ILE E 12 21.50 21.16 -22.09
CA ILE E 12 20.22 21.69 -21.61
C ILE E 12 19.37 20.59 -21.00
N ILE E 13 19.38 19.40 -21.62
CA ILE E 13 18.58 18.29 -21.13
C ILE E 13 19.11 17.80 -19.80
N GLY E 14 20.43 17.74 -19.64
CA GLY E 14 21.00 17.38 -18.34
C GLY E 14 20.60 18.35 -17.25
N ILE E 15 20.68 19.65 -17.54
CA ILE E 15 20.32 20.66 -16.55
C ILE E 15 18.85 20.52 -16.16
N LEU E 16 17.96 20.47 -17.15
CA LEU E 16 16.54 20.37 -16.85
C LEU E 16 16.19 19.04 -16.19
N HIS E 17 16.91 17.98 -16.55
CA HIS E 17 16.68 16.68 -15.93
C HIS E 17 17.01 16.73 -14.44
N LEU E 18 18.16 17.33 -14.10
CA LEU E 18 18.48 17.45 -12.68
C LEU E 18 17.49 18.34 -11.95
N ILE E 19 17.06 19.44 -12.58
CA ILE E 19 16.12 20.34 -11.91
C ILE E 19 14.80 19.61 -11.64
N LEU E 20 14.24 18.97 -12.66
CA LEU E 20 12.96 18.27 -12.49
C LEU E 20 13.09 17.09 -11.56
N TRP E 21 14.22 16.39 -11.57
CA TRP E 21 14.41 15.28 -10.63
C TRP E 21 14.53 15.79 -9.21
N ILE E 22 15.13 16.96 -9.02
CA ILE E 22 15.21 17.54 -7.68
C ILE E 22 13.82 17.93 -7.19
N LEU E 23 13.01 18.51 -8.07
CA LEU E 23 11.65 18.85 -7.66
C LEU E 23 10.81 17.59 -7.39
N ASP E 24 10.98 16.55 -8.20
CA ASP E 24 10.28 15.29 -7.96
C ASP E 24 10.70 14.66 -6.64
N ARG E 25 12.01 14.65 -6.37
CA ARG E 25 12.51 14.10 -5.11
C ARG E 25 12.07 14.95 -3.93
N LEU E 26 11.93 16.26 -4.10
CA LEU E 26 11.41 17.11 -3.04
C LEU E 26 9.96 16.77 -2.75
N PHE E 27 9.15 16.62 -3.81
CA PHE E 27 7.76 16.22 -3.63
C PHE E 27 7.65 14.88 -2.90
N PHE E 28 8.43 13.90 -3.33
CA PHE E 28 8.31 12.57 -2.72
C PHE E 28 8.96 12.50 -1.35
N LYS E 29 9.94 13.34 -1.07
CA LYS E 29 10.50 13.39 0.28
C LYS E 29 9.53 14.07 1.24
N SER E 30 8.79 15.08 0.76
CA SER E 30 7.75 15.68 1.58
C SER E 30 6.56 14.75 1.74
N ILE E 31 6.33 13.87 0.77
CA ILE E 31 5.19 12.94 0.85
C ILE E 31 5.51 11.65 1.59
N TYR E 32 6.78 11.28 1.71
CA TYR E 32 7.18 10.09 2.44
C TYR E 32 7.93 10.42 3.73
N ARG E 33 8.10 11.71 4.03
CA ARG E 33 8.62 12.13 5.33
C ARG E 33 7.53 12.69 6.22
N PHE E 34 6.31 12.86 5.71
CA PHE E 34 5.16 13.26 6.50
C PHE E 34 4.25 12.09 6.84
N PHE E 35 4.49 10.92 6.25
CA PHE E 35 3.72 9.71 6.55
C PHE E 35 4.59 8.66 7.24
N GLU E 36 5.63 9.08 7.95
CA GLU E 36 6.52 8.17 8.64
C GLU E 36 7.15 8.83 9.86
N SER F 3 33.24 16.50 -30.82
CA SER F 3 32.08 15.63 -30.90
C SER F 3 32.46 14.20 -31.23
N ASP F 4 33.31 13.61 -30.39
CA ASP F 4 33.74 12.23 -30.58
C ASP F 4 32.55 11.28 -30.43
N PRO F 5 32.68 10.05 -30.92
CA PRO F 5 31.57 9.09 -30.79
C PRO F 5 31.10 8.89 -29.37
N LEU F 6 32.00 8.95 -28.39
CA LEU F 6 31.58 8.87 -27.00
C LEU F 6 30.65 10.01 -26.63
N ALA F 7 31.00 11.23 -27.05
CA ALA F 7 30.16 12.39 -26.75
C ALA F 7 28.81 12.31 -27.48
N VAL F 8 28.81 11.85 -28.72
CA VAL F 8 27.56 11.72 -29.46
C VAL F 8 26.65 10.69 -28.80
N ALA F 9 27.21 9.54 -28.43
CA ALA F 9 26.43 8.52 -27.74
C ALA F 9 25.91 9.05 -26.42
N ALA F 10 26.74 9.77 -25.67
CA ALA F 10 26.31 10.31 -24.39
C ALA F 10 25.18 11.31 -24.56
N SER F 11 25.24 12.12 -25.62
CA SER F 11 24.19 13.10 -25.86
C SER F 11 22.87 12.42 -26.22
N ILE F 12 22.92 11.46 -27.14
CA ILE F 12 21.71 10.72 -27.49
C ILE F 12 21.15 10.01 -26.27
N ILE F 13 22.03 9.45 -25.44
CA ILE F 13 21.59 8.74 -24.24
C ILE F 13 20.98 9.70 -23.23
N GLY F 14 21.52 10.91 -23.13
CA GLY F 14 20.92 11.89 -22.23
C GLY F 14 19.55 12.34 -22.68
N ILE F 15 19.38 12.55 -23.99
CA ILE F 15 18.07 12.91 -24.52
C ILE F 15 17.07 11.78 -24.26
N LEU F 16 17.46 10.54 -24.57
CA LEU F 16 16.57 9.41 -24.33
C LEU F 16 16.28 9.24 -22.84
N HIS F 17 17.25 9.56 -21.98
CA HIS F 17 17.04 9.45 -20.54
C HIS F 17 16.03 10.47 -20.06
N LEU F 18 16.12 11.71 -20.55
CA LEU F 18 15.11 12.71 -20.19
C LEU F 18 13.74 12.28 -20.68
N ILE F 19 13.65 11.78 -21.91
CA ILE F 19 12.35 11.35 -22.45
C ILE F 19 11.76 10.23 -21.60
N LEU F 20 12.58 9.21 -21.29
CA LEU F 20 12.11 8.07 -20.52
C LEU F 20 11.69 8.49 -19.12
N TRP F 21 12.52 9.29 -18.45
CA TRP F 21 12.20 9.70 -17.09
C TRP F 21 10.98 10.61 -17.06
N ILE F 22 10.77 11.40 -18.11
CA ILE F 22 9.57 12.24 -18.18
C ILE F 22 8.33 11.39 -18.36
N LEU F 23 8.39 10.38 -19.24
CA LEU F 23 7.27 9.45 -19.37
C LEU F 23 7.00 8.76 -18.04
N ASP F 24 8.06 8.32 -17.35
CA ASP F 24 7.90 7.65 -16.07
C ASP F 24 7.24 8.55 -15.04
N ARG F 25 7.67 9.81 -14.96
CA ARG F 25 7.14 10.71 -13.94
C ARG F 25 5.71 11.14 -14.27
N LEU F 26 5.40 11.33 -15.56
CA LEU F 26 4.03 11.67 -15.90
C LEU F 26 3.09 10.50 -15.63
N PHE F 27 3.54 9.27 -15.92
CA PHE F 27 2.76 8.09 -15.56
C PHE F 27 2.53 8.02 -14.06
N PHE F 28 3.59 8.21 -13.27
CA PHE F 28 3.47 8.12 -11.82
C PHE F 28 2.57 9.21 -11.26
N LYS F 29 2.70 10.45 -11.75
CA LYS F 29 1.90 11.54 -11.21
C LYS F 29 0.46 11.46 -11.69
N SER F 30 0.21 10.89 -12.88
CA SER F 30 -1.16 10.67 -13.30
C SER F 30 -1.82 9.53 -12.53
N ILE F 31 -1.03 8.53 -12.13
CA ILE F 31 -1.58 7.47 -11.31
C ILE F 31 -1.88 7.98 -9.89
N TYR F 32 -0.94 8.73 -9.31
CA TYR F 32 -1.15 9.27 -7.97
C TYR F 32 -2.12 10.45 -7.96
N ARG F 33 -2.46 10.99 -9.13
CA ARG F 33 -3.47 12.04 -9.22
C ARG F 33 -4.85 11.50 -9.57
N PHE F 34 -4.96 10.19 -9.80
CA PHE F 34 -6.24 9.55 -10.05
C PHE F 34 -6.69 8.61 -8.94
N PHE F 35 -5.79 8.22 -8.04
CA PHE F 35 -6.13 7.38 -6.90
C PHE F 35 -5.82 8.07 -5.58
N GLU F 36 -5.70 9.40 -5.59
CA GLU F 36 -5.42 10.16 -4.36
C GLU F 36 -5.85 11.61 -4.53
N SER G 3 37.66 16.33 -26.45
CA SER G 3 37.90 15.01 -25.91
C SER G 3 38.59 15.09 -24.54
N ASP G 4 38.16 16.06 -23.73
CA ASP G 4 38.74 16.22 -22.42
C ASP G 4 38.33 15.08 -21.48
N PRO G 5 39.19 14.72 -20.53
CA PRO G 5 38.82 13.64 -19.60
C PRO G 5 37.60 13.95 -18.77
N LEU G 6 37.36 15.23 -18.46
CA LEU G 6 36.14 15.62 -17.75
C LEU G 6 34.91 15.22 -18.57
N ALA G 7 34.90 15.57 -19.85
CA ALA G 7 33.76 15.23 -20.70
C ALA G 7 33.66 13.72 -20.93
N VAL G 8 34.80 13.02 -21.02
CA VAL G 8 34.76 11.58 -21.18
C VAL G 8 34.15 10.91 -19.96
N ALA G 9 34.57 11.33 -18.77
CA ALA G 9 33.98 10.80 -17.55
C ALA G 9 32.50 11.13 -17.45
N ALA G 10 32.12 12.35 -17.85
CA ALA G 10 30.70 12.72 -17.84
C ALA G 10 29.90 11.85 -18.81
N SER G 11 30.49 11.52 -19.95
CA SER G 11 29.81 10.66 -20.92
C SER G 11 29.58 9.27 -20.35
N ILE G 12 30.65 8.67 -19.80
CA ILE G 12 30.52 7.34 -19.21
C ILE G 12 29.52 7.37 -18.06
N ILE G 13 29.51 8.46 -17.29
CA ILE G 13 28.58 8.59 -16.18
C ILE G 13 27.14 8.70 -16.68
N GLY G 14 26.92 9.44 -17.76
CA GLY G 14 25.58 9.51 -18.33
C GLY G 14 25.09 8.17 -18.84
N ILE G 15 25.98 7.41 -19.47
CA ILE G 15 25.60 6.08 -19.96
C ILE G 15 25.26 5.17 -18.79
N LEU G 16 26.13 5.13 -17.77
CA LEU G 16 25.85 4.34 -16.58
C LEU G 16 24.59 4.79 -15.88
N HIS G 17 24.30 6.10 -15.91
CA HIS G 17 23.09 6.62 -15.30
C HIS G 17 21.86 6.09 -16.01
N LEU G 18 21.84 6.15 -17.34
CA LEU G 18 20.72 5.58 -18.09
C LEU G 18 20.58 4.09 -17.81
N ILE G 19 21.70 3.37 -17.77
CA ILE G 19 21.65 1.92 -17.55
C ILE G 19 21.06 1.60 -16.18
N LEU G 20 21.59 2.26 -15.15
CA LEU G 20 21.12 1.99 -13.80
C LEU G 20 19.67 2.42 -13.63
N TRP G 21 19.26 3.51 -14.28
CA TRP G 21 17.89 3.96 -14.13
C TRP G 21 16.93 3.02 -14.84
N ILE G 22 17.30 2.49 -16.00
CA ILE G 22 16.39 1.57 -16.67
C ILE G 22 16.34 0.24 -15.93
N LEU G 23 17.46 -0.22 -15.35
CA LEU G 23 17.41 -1.42 -14.52
C LEU G 23 16.52 -1.19 -13.31
N ASP G 24 16.72 -0.08 -12.60
CA ASP G 24 15.89 0.28 -11.46
C ASP G 24 14.42 0.30 -11.82
N ARG G 25 14.06 1.07 -12.85
CA ARG G 25 12.65 1.24 -13.16
C ARG G 25 12.04 -0.02 -13.78
N LEU G 26 12.85 -0.86 -14.42
CA LEU G 26 12.35 -2.14 -14.89
C LEU G 26 12.02 -3.05 -13.71
N PHE G 27 12.95 -3.17 -12.76
CA PHE G 27 12.67 -3.98 -11.57
C PHE G 27 11.47 -3.44 -10.79
N PHE G 28 11.37 -2.11 -10.69
CA PHE G 28 10.31 -1.51 -9.90
C PHE G 28 8.96 -1.60 -10.61
N LYS G 29 8.91 -1.41 -11.93
CA LYS G 29 7.68 -1.61 -12.67
C LYS G 29 7.31 -3.08 -12.77
N SER G 30 8.27 -3.98 -12.62
CA SER G 30 7.95 -5.41 -12.61
C SER G 30 7.40 -5.85 -11.26
N ILE G 31 7.91 -5.27 -10.17
CA ILE G 31 7.36 -5.59 -8.86
C ILE G 31 6.05 -4.85 -8.61
N TYR G 32 5.85 -3.71 -9.26
CA TYR G 32 4.58 -2.98 -9.19
C TYR G 32 3.61 -3.40 -10.29
N ARG G 33 4.05 -4.28 -11.20
CA ARG G 33 3.16 -4.94 -12.14
C ARG G 33 2.87 -6.37 -11.74
N PHE G 34 3.64 -6.94 -10.80
CA PHE G 34 3.36 -8.25 -10.24
C PHE G 34 2.46 -8.18 -9.01
N PHE G 35 2.33 -7.00 -8.39
CA PHE G 35 1.41 -6.78 -7.29
C PHE G 35 0.12 -6.11 -7.74
N GLU G 36 -0.23 -6.26 -9.02
CA GLU G 36 -1.45 -5.66 -9.55
C GLU G 36 -1.91 -6.41 -10.80
N SER H 3 37.31 24.10 -22.52
CA SER H 3 36.73 24.58 -21.28
C SER H 3 35.40 25.27 -21.53
N ASP H 4 34.60 24.69 -22.43
CA ASP H 4 33.27 25.21 -22.72
C ASP H 4 32.42 25.21 -21.45
N PRO H 5 31.97 26.39 -20.98
CA PRO H 5 31.15 26.41 -19.77
C PRO H 5 29.89 25.57 -19.87
N LEU H 6 29.30 25.48 -21.06
CA LEU H 6 28.14 24.62 -21.25
C LEU H 6 28.45 23.19 -20.88
N ALA H 7 29.47 22.61 -21.52
CA ALA H 7 29.84 21.23 -21.25
C ALA H 7 30.33 21.04 -19.81
N VAL H 8 31.03 22.04 -19.26
CA VAL H 8 31.54 21.92 -17.90
C VAL H 8 30.38 21.84 -16.91
N ALA H 9 29.44 22.78 -16.99
CA ALA H 9 28.30 22.76 -16.09
C ALA H 9 27.44 21.52 -16.30
N ALA H 10 27.25 21.10 -17.55
CA ALA H 10 26.47 19.91 -17.82
C ALA H 10 27.14 18.68 -17.22
N SER H 11 28.47 18.59 -17.30
CA SER H 11 29.19 17.45 -16.75
C SER H 11 29.09 17.44 -15.23
N ILE H 12 29.26 18.59 -14.59
CA ILE H 12 29.17 18.66 -13.13
C ILE H 12 27.77 18.27 -12.67
N ILE H 13 26.74 18.78 -13.36
CA ILE H 13 25.37 18.43 -13.01
C ILE H 13 25.10 16.96 -13.26
N GLY H 14 25.68 16.39 -14.32
CA GLY H 14 25.52 14.96 -14.56
C GLY H 14 26.12 14.11 -13.46
N ILE H 15 27.31 14.47 -13.01
CA ILE H 15 27.94 13.73 -11.91
C ILE H 15 27.14 13.86 -10.63
N LEU H 16 26.71 15.09 -10.30
CA LEU H 16 25.91 15.29 -9.09
C LEU H 16 24.58 14.55 -9.19
N HIS H 17 23.99 14.51 -10.39
CA HIS H 17 22.73 13.81 -10.57
C HIS H 17 22.90 12.32 -10.39
N LEU H 18 23.96 11.74 -10.94
CA LEU H 18 24.20 10.32 -10.71
C LEU H 18 24.43 10.02 -9.23
N ILE H 19 25.19 10.89 -8.55
CA ILE H 19 25.47 10.66 -7.13
C ILE H 19 24.18 10.71 -6.31
N LEU H 20 23.37 11.76 -6.51
CA LEU H 20 22.13 11.89 -5.76
C LEU H 20 21.16 10.77 -6.11
N TRP H 21 21.10 10.36 -7.38
CA TRP H 21 20.22 9.27 -7.77
C TRP H 21 20.66 7.95 -7.14
N ILE H 22 21.97 7.74 -7.05
CA ILE H 22 22.48 6.51 -6.44
C ILE H 22 22.14 6.47 -4.96
N LEU H 23 22.32 7.59 -4.25
CA LEU H 23 22.01 7.56 -2.82
C LEU H 23 20.50 7.52 -2.59
N ASP H 24 19.72 8.17 -3.45
CA ASP H 24 18.26 8.07 -3.36
C ASP H 24 17.81 6.63 -3.56
N ARG H 25 18.37 5.95 -4.56
CA ARG H 25 17.99 4.56 -4.80
C ARG H 25 18.51 3.63 -3.71
N LEU H 26 19.65 3.96 -3.10
CA LEU H 26 20.11 3.18 -1.94
C LEU H 26 19.13 3.32 -0.79
N PHE H 27 18.68 4.55 -0.50
CA PHE H 27 17.69 4.75 0.55
C PHE H 27 16.38 4.05 0.22
N PHE H 28 15.94 4.13 -1.03
CA PHE H 28 14.67 3.49 -1.39
C PHE H 28 14.80 1.96 -1.38
N LYS H 29 15.96 1.43 -1.73
CA LYS H 29 16.17 -0.01 -1.64
C LYS H 29 16.18 -0.47 -0.19
N SER H 30 16.84 0.28 0.69
CA SER H 30 16.87 -0.09 2.10
C SER H 30 15.51 0.12 2.76
N ILE H 31 14.68 1.00 2.22
CA ILE H 31 13.37 1.26 2.79
C ILE H 31 12.29 0.32 2.25
N TYR H 32 12.42 -0.14 1.00
CA TYR H 32 11.48 -1.07 0.41
C TYR H 32 12.03 -2.50 0.37
N ARG H 33 13.13 -2.76 1.06
CA ARG H 33 13.61 -4.11 1.26
C ARG H 33 13.10 -4.73 2.54
N PHE H 34 12.51 -3.93 3.42
CA PHE H 34 11.93 -4.43 4.66
C PHE H 34 10.49 -4.89 4.49
N PHE H 35 9.78 -4.34 3.50
CA PHE H 35 8.40 -4.74 3.27
C PHE H 35 8.28 -6.07 2.53
N GLU H 36 9.22 -6.35 1.62
CA GLU H 36 9.15 -7.59 0.84
C GLU H 36 9.76 -8.76 1.60
N HIS H 37 11.03 -8.65 1.96
CA HIS H 37 11.72 -9.72 2.66
C HIS H 37 12.91 -9.20 3.46
C1 E01 I . -25.95 -14.43 18.24
C2 E01 I . -27.31 -13.84 18.61
C3 E01 I . -28.25 -14.94 19.07
C4 E01 I . -27.78 -15.58 20.37
C5 E01 I . -26.29 -15.36 20.56
C6 E01 I . -25.53 -15.49 19.25
C14 E01 I . -27.65 -17.74 21.64
C15 E01 I . -28.10 -15.63 22.85
C12 E01 I . -28.40 -17.13 22.80
C11 E01 I . -28.55 -14.98 21.54
C10 E01 I . -30.05 -15.20 21.37
C7 E01 I . -28.08 -17.08 20.33
C8 E01 I . -29.58 -17.31 20.15
C9 E01 I . -30.36 -16.69 21.31
C13 E01 I . -29.89 -17.34 22.61
N1 E01 I . -24.95 -13.34 18.20
C1 E01 J . 24.78 14.23 -19.78
C2 E01 J . 25.02 13.85 -21.24
C3 E01 J . 26.51 13.81 -21.58
C4 E01 J . 27.18 15.16 -21.30
C5 E01 J . 26.87 15.61 -19.86
C6 E01 J . 26.09 14.56 -19.08
C14 E01 J . 27.31 17.55 -22.02
C15 E01 J . 29.35 16.39 -21.22
C12 E01 J . 28.83 17.44 -22.18
C11 E01 J . 28.69 15.05 -21.48
C10 E01 J . 29.01 14.61 -22.91
C7 E01 J . 26.67 16.20 -22.28
C8 E01 J . 26.97 15.78 -23.71
C9 E01 J . 28.48 15.64 -23.90
C13 E01 J . 29.13 16.99 -23.61
N1 E01 J . 24.13 13.11 -19.09
#